data_2BD5
#
_entry.id   2BD5
#
_cell.length_a   50.655
_cell.length_b   57.585
_cell.length_c   74.524
_cell.angle_alpha   90.00
_cell.angle_beta   90.00
_cell.angle_gamma   90.00
#
_symmetry.space_group_name_H-M   'P 21 21 21'
#
loop_
_entity.id
_entity.type
_entity.pdbx_description
1 polymer beta-casomorphin-7
2 polymer 'Chymotrypsin-like elastase family member 1'
3 non-polymer 'CALCIUM ION'
4 non-polymer 'SULFATE ION'
5 water water
#
loop_
_entity_poly.entity_id
_entity_poly.type
_entity_poly.pdbx_seq_one_letter_code
_entity_poly.pdbx_strand_id
1 'polypeptide(L)' YPFVEPIK P
2 'polypeptide(L)'
;VVGGTEAQRNSWPSQISLQYRSGSSWAHTCGGTLIRQNWVMTAAHCVDRELTFRVVVGEHNLNQNNGTEQYVGVQKIVVH
PYWNTDDVAAGYDIALLRLAQSVTLNSYVQLGVLPRAGTILANNSPCYITGWGLTRTNGQLAQTLQQAYLPTVDYAICSS
SSYWGSTVKNSMVCAGGDGVRSGCQGDSGGPLHCLVNGQYAVHGVTSFVSRLGCNVTRKPTVFTRVSAYISWINNVIASN
;
A
#
loop_
_chem_comp.id
_chem_comp.type
_chem_comp.name
_chem_comp.formula
CA non-polymer 'CALCIUM ION' 'Ca 2'
SO4 non-polymer 'SULFATE ION' 'O4 S -2'
#
# COMPACT_ATOMS: atom_id res chain seq x y z
N ILE A 7 -0.72 5.52 -7.90
CA ILE A 7 -2.01 5.66 -7.22
C ILE A 7 -1.92 5.68 -5.67
N LYS A 8 -2.27 6.97 -5.12
CA LYS A 8 -1.29 7.97 -4.75
C LYS A 8 -2.02 9.08 -3.97
N VAL B 1 -10.06 1.98 -3.76
CA VAL B 1 -10.33 0.58 -4.23
C VAL B 1 -11.61 0.57 -5.04
N VAL B 2 -11.53 0.09 -6.26
CA VAL B 2 -12.70 -0.01 -7.11
C VAL B 2 -13.22 -1.44 -6.94
N GLY B 3 -14.54 -1.59 -6.91
CA GLY B 3 -15.18 -2.91 -6.80
C GLY B 3 -14.80 -3.62 -5.48
N GLY B 4 -14.54 -2.82 -4.44
CA GLY B 4 -14.30 -3.33 -3.09
C GLY B 4 -15.59 -3.47 -2.28
N THR B 5 -15.46 -3.93 -1.03
CA THR B 5 -16.54 -4.01 -0.05
C THR B 5 -15.97 -3.36 1.20
N GLU B 6 -16.82 -2.81 2.08
CA GLU B 6 -16.29 -2.13 3.24
C GLU B 6 -15.60 -3.19 4.12
N ALA B 7 -14.40 -2.88 4.57
CA ALA B 7 -13.68 -3.79 5.50
C ALA B 7 -14.38 -3.78 6.88
N GLN B 8 -14.30 -4.91 7.59
CA GLN B 8 -14.76 -4.90 8.95
C GLN B 8 -13.72 -4.09 9.71
N ARG B 9 -14.17 -3.38 10.74
CA ARG B 9 -13.37 -2.47 11.55
C ARG B 9 -12.04 -3.05 12.12
N ASN B 10 -12.07 -4.31 12.49
CA ASN B 10 -10.86 -4.94 13.03
C ASN B 10 -10.10 -5.85 12.04
N SER B 11 -10.41 -5.75 10.73
CA SER B 11 -9.84 -6.72 9.84
C SER B 11 -8.35 -6.58 9.58
N TRP B 12 -7.91 -5.33 9.41
CA TRP B 12 -6.58 -5.08 8.78
C TRP B 12 -5.83 -4.05 9.64
N PRO B 13 -5.46 -4.47 10.83
CA PRO B 13 -5.01 -3.51 11.83
C PRO B 13 -3.64 -2.89 11.58
N SER B 14 -2.91 -3.42 10.57
CA SER B 14 -1.64 -2.79 10.17
C SER B 14 -1.83 -1.68 9.13
N GLN B 15 -3.05 -1.54 8.61
CA GLN B 15 -3.29 -0.51 7.58
C GLN B 15 -3.24 0.88 8.23
N ILE B 16 -2.50 1.79 7.62
CA ILE B 16 -2.50 3.17 8.08
C ILE B 16 -2.97 4.12 6.98
N SER B 17 -3.42 5.31 7.42
CA SER B 17 -3.73 6.42 6.51
C SER B 17 -2.58 7.41 6.63
N LEU B 18 -1.93 7.70 5.51
CA LEU B 18 -0.89 8.74 5.45
C LEU B 18 -1.57 10.00 4.91
N GLN B 19 -1.44 11.09 5.68
CA GLN B 19 -2.16 12.31 5.47
C GLN B 19 -1.19 13.47 5.44
N TYR B 20 -1.57 14.49 4.69
CA TYR B 20 -0.82 15.72 4.61
C TYR B 20 -1.66 16.88 5.06
N ARG B 21 -0.95 17.89 5.54
CA ARG B 21 -1.58 19.05 6.13
C ARG B 21 -2.05 19.91 4.98
N SER B 22 -3.31 20.32 5.05
CA SER B 22 -3.97 21.04 3.98
C SER B 22 -4.77 22.10 4.71
N GLY B 23 -4.23 23.33 4.71
CA GLY B 23 -4.79 24.46 5.43
C GLY B 23 -4.83 24.25 6.93
N SER B 24 -6.05 24.21 7.46
CA SER B 24 -6.26 23.96 8.89
C SER B 24 -6.58 22.49 9.16
N SER B 25 -6.59 21.67 8.12
CA SER B 25 -6.93 20.26 8.31
C SER B 25 -6.00 19.29 7.55
N TRP B 26 -6.43 18.03 7.48
CA TRP B 26 -5.50 16.98 7.06
C TRP B 26 -6.23 16.25 5.99
N ALA B 27 -5.52 15.84 4.94
CA ALA B 27 -6.13 15.16 3.78
C ALA B 27 -5.43 13.84 3.61
N HIS B 28 -6.21 12.78 3.51
CA HIS B 28 -5.66 11.47 3.20
C HIS B 28 -5.03 11.52 1.83
N THR B 29 -3.79 11.04 1.74
CA THR B 29 -3.15 10.87 0.41
C THR B 29 -2.76 9.47 -0.04
N CYS B 30 -2.39 8.62 0.90
CA CYS B 30 -1.85 7.29 0.62
C CYS B 30 -2.15 6.35 1.74
N GLY B 31 -1.94 5.08 1.46
CA GLY B 31 -1.97 4.09 2.53
C GLY B 31 -0.53 3.79 2.95
N GLY B 32 -0.44 2.88 3.92
CA GLY B 32 0.86 2.37 4.41
C GLY B 32 0.57 1.19 5.33
N THR B 33 1.63 0.55 5.82
CA THR B 33 1.54 -0.59 6.69
C THR B 33 2.46 -0.30 7.84
N LEU B 34 1.90 -0.44 9.04
CA LEU B 34 2.70 -0.27 10.28
C LEU B 34 3.58 -1.52 10.36
N ILE B 35 4.90 -1.36 10.37
CA ILE B 35 5.77 -2.50 10.48
C ILE B 35 6.57 -2.57 11.79
N ARG B 36 6.75 -1.41 12.49
CA ARG B 36 7.21 -1.39 13.89
C ARG B 36 6.33 -0.39 14.59
N GLN B 37 6.42 -0.30 15.93
CA GLN B 37 5.59 0.64 16.63
C GLN B 37 5.91 2.06 16.19
N ASN B 38 7.13 2.26 15.68
CA ASN B 38 7.45 3.58 15.17
C ASN B 38 7.95 3.66 13.73
N TRP B 39 7.62 2.66 12.94
CA TRP B 39 7.94 2.64 11.53
C TRP B 39 6.77 2.23 10.66
N VAL B 40 6.60 2.94 9.55
CA VAL B 40 5.55 2.63 8.58
C VAL B 40 6.24 2.41 7.23
N MET B 41 5.75 1.43 6.48
CA MET B 41 6.22 1.20 5.16
C MET B 41 5.14 1.72 4.17
N THR B 42 5.59 2.47 3.17
CA THR B 42 4.67 3.08 2.20
C THR B 42 5.37 3.13 0.87
N ALA B 43 4.75 3.76 -0.13
CA ALA B 43 5.41 3.91 -1.42
C ALA B 43 6.26 5.20 -1.46
N ALA B 44 7.41 5.12 -2.11
CA ALA B 44 8.23 6.29 -2.35
C ALA B 44 7.44 7.43 -2.97
N HIS B 45 6.60 7.15 -3.98
CA HIS B 45 6.00 8.26 -4.71
C HIS B 45 5.01 8.99 -3.82
N CYS B 46 4.62 8.38 -2.70
CA CYS B 46 3.65 9.04 -1.80
C CYS B 46 4.28 10.22 -1.13
N VAL B 47 5.60 10.17 -1.05
CA VAL B 47 6.30 11.17 -0.21
C VAL B 47 7.27 11.95 -1.10
N ASP B 48 7.02 11.94 -2.41
CA ASP B 48 7.86 12.85 -3.30
C ASP B 48 7.64 14.35 -2.92
N ARG B 49 6.40 14.73 -2.66
CA ARG B 49 6.10 16.14 -2.32
C ARG B 49 6.62 16.52 -0.93
N GLU B 50 7.12 17.73 -0.84
CA GLU B 50 7.78 18.26 0.32
C GLU B 50 6.66 18.72 1.28
N LEU B 51 5.78 17.81 1.68
CA LEU B 51 4.61 18.17 2.53
C LEU B 51 4.83 17.81 3.99
N THR B 52 3.93 18.27 4.84
CA THR B 52 3.93 17.83 6.22
C THR B 52 3.04 16.59 6.28
N PHE B 53 3.56 15.47 6.73
CA PHE B 53 2.73 14.26 6.81
C PHE B 53 2.46 13.82 8.22
N ARG B 54 1.33 13.16 8.39
CA ARG B 54 1.09 12.44 9.67
C ARG B 54 0.56 11.07 9.30
N VAL B 55 0.69 10.14 10.23
CA VAL B 55 0.17 8.80 10.08
C VAL B 55 -1.00 8.64 11.01
N VAL B 56 -2.06 7.98 10.52
CA VAL B 56 -3.19 7.63 11.38
C VAL B 56 -3.29 6.13 11.49
N VAL B 57 -3.19 5.61 12.72
CA VAL B 57 -3.35 4.16 12.86
C VAL B 57 -4.71 3.95 13.53
N GLY B 58 -5.26 2.75 13.38
CA GLY B 58 -6.55 2.45 14.03
C GLY B 58 -7.65 3.24 13.35
N GLU B 59 -7.41 3.63 12.09
CA GLU B 59 -8.40 4.46 11.41
C GLU B 59 -9.39 3.55 10.68
N HIS B 60 -10.65 3.96 10.56
CA HIS B 60 -11.61 3.16 9.77
C HIS B 60 -12.50 4.06 8.85
N ASN B 61 -13.13 5.09 9.44
CA ASN B 61 -13.88 6.07 8.68
C ASN B 61 -13.08 7.37 8.71
N LEU B 62 -12.66 7.86 7.54
CA LEU B 62 -11.78 9.07 7.48
C LEU B 62 -12.54 10.28 8.02
N ASN B 63 -13.85 10.20 7.99
CA ASN B 63 -14.68 11.39 8.15
C ASN B 63 -15.35 11.53 9.52
N GLN B 64 -15.19 10.52 10.37
CA GLN B 64 -15.87 10.51 11.63
C GLN B 64 -15.00 9.87 12.70
N ASN B 65 -15.21 10.27 13.94
CA ASN B 65 -14.46 9.76 15.08
C ASN B 65 -14.87 8.29 15.28
N ASN B 66 -13.89 7.40 15.28
CA ASN B 66 -14.12 5.96 15.43
C ASN B 66 -13.85 5.53 16.86
N GLY B 67 -13.25 6.43 17.64
CA GLY B 67 -12.85 6.10 19.03
C GLY B 67 -11.58 5.25 19.12
N THR B 68 -10.88 5.04 18.02
CA THR B 68 -9.76 4.08 18.01
C THR B 68 -8.49 4.64 17.34
N GLU B 69 -8.56 5.87 16.82
CA GLU B 69 -7.43 6.43 16.02
C GLU B 69 -6.31 6.89 16.98
N GLN B 70 -5.06 6.69 16.57
CA GLN B 70 -3.93 7.47 17.09
C GLN B 70 -3.26 8.24 15.98
N TYR B 71 -2.90 9.50 16.25
CA TYR B 71 -2.35 10.37 15.22
C TYR B 71 -0.92 10.67 15.60
N VAL B 72 -0.04 10.46 14.65
CA VAL B 72 1.39 10.62 14.98
C VAL B 72 2.16 11.28 13.83
N GLY B 73 3.01 12.25 14.17
CA GLY B 73 3.83 12.92 13.16
C GLY B 73 4.84 11.97 12.52
N VAL B 74 5.27 12.30 11.30
CA VAL B 74 6.41 11.65 10.65
C VAL B 74 7.70 12.45 10.91
N GLN B 75 8.68 11.75 11.46
CA GLN B 75 9.90 12.36 11.93
C GLN B 75 11.01 12.25 10.87
N LYS B 76 11.05 11.12 10.17
CA LYS B 76 12.09 10.92 9.17
C LYS B 76 11.53 10.14 8.06
N ILE B 77 11.90 10.49 6.84
CA ILE B 77 11.47 9.71 5.66
C ILE B 77 12.70 9.12 5.00
N VAL B 78 12.72 7.80 4.80
CA VAL B 78 13.83 7.16 4.11
C VAL B 78 13.31 6.53 2.83
N VAL B 79 13.62 7.15 1.72
CA VAL B 79 13.14 6.60 0.45
C VAL B 79 14.19 5.62 -0.06
N HIS B 80 13.76 4.62 -0.82
CA HIS B 80 14.77 3.74 -1.38
C HIS B 80 15.74 4.60 -2.21
N PRO B 81 17.07 4.42 -2.03
CA PRO B 81 18.00 5.26 -2.79
C PRO B 81 17.95 5.12 -4.31
N TYR B 82 17.38 4.04 -4.83
CA TYR B 82 17.33 3.90 -6.31
C TYR B 82 16.06 4.44 -6.91
N TRP B 83 15.15 4.92 -6.07
CA TRP B 83 13.86 5.40 -6.52
C TRP B 83 14.06 6.63 -7.36
N ASN B 84 13.31 6.66 -8.44
CA ASN B 84 13.34 7.77 -9.36
C ASN B 84 11.89 8.11 -9.72
N THR B 85 11.48 9.29 -9.28
CA THR B 85 10.14 9.82 -9.47
C THR B 85 9.65 9.84 -10.91
N ASP B 86 10.58 10.04 -11.84
CA ASP B 86 10.27 10.12 -13.28
C ASP B 86 10.07 8.73 -13.92
N ASP B 87 10.29 7.64 -13.16
CA ASP B 87 10.38 6.27 -13.73
C ASP B 87 9.76 5.26 -12.74
N VAL B 88 8.45 5.38 -12.44
CA VAL B 88 7.82 4.44 -11.47
C VAL B 88 7.99 2.99 -12.00
N ALA B 89 8.02 2.84 -13.33
CA ALA B 89 8.14 1.49 -13.88
C ALA B 89 9.49 0.88 -13.60
N ALA B 90 10.49 1.68 -13.23
CA ALA B 90 11.80 1.15 -12.81
C ALA B 90 11.78 0.35 -11.49
N GLY B 91 10.81 0.67 -10.63
CA GLY B 91 10.54 -0.01 -9.36
C GLY B 91 11.16 0.84 -8.25
N TYR B 92 11.44 0.20 -7.12
CA TYR B 92 12.05 0.85 -5.96
C TYR B 92 11.01 1.79 -5.32
N ASP B 93 9.72 1.57 -5.59
CA ASP B 93 8.66 2.47 -5.05
C ASP B 93 8.34 2.05 -3.62
N ILE B 94 9.25 2.38 -2.72
CA ILE B 94 9.11 2.00 -1.31
C ILE B 94 9.81 3.05 -0.49
N ALA B 95 9.27 3.30 0.70
CA ALA B 95 9.86 4.26 1.62
C ALA B 95 9.44 3.84 3.04
N LEU B 96 10.27 4.19 4.01
CA LEU B 96 10.01 3.90 5.41
C LEU B 96 9.89 5.22 6.14
N LEU B 97 8.88 5.33 7.00
CA LEU B 97 8.64 6.57 7.74
C LEU B 97 8.86 6.22 9.18
N ARG B 98 9.77 6.95 9.82
CA ARG B 98 9.94 6.82 11.22
C ARG B 98 8.96 7.81 11.88
N LEU B 99 8.16 7.29 12.80
CA LEU B 99 7.19 8.08 13.57
C LEU B 99 7.78 8.82 14.75
N ALA B 100 7.17 9.96 15.10
CA ALA B 100 7.71 10.86 16.12
C ALA B 100 7.61 10.19 17.50
N GLN B 101 6.63 9.29 17.61
CA GLN B 101 6.33 8.52 18.81
C GLN B 101 5.98 7.09 18.39
N SER B 102 6.18 6.15 19.33
CA SER B 102 5.70 4.79 19.11
C SER B 102 4.23 4.70 19.39
N VAL B 103 3.48 4.10 18.49
CA VAL B 103 2.05 3.93 18.68
C VAL B 103 1.79 2.77 19.60
N THR B 104 0.61 2.78 20.21
CA THR B 104 0.25 1.74 21.12
C THR B 104 -0.50 0.67 20.37
N LEU B 105 -0.08 -0.58 20.55
CA LEU B 105 -0.69 -1.69 19.83
C LEU B 105 -1.88 -2.17 20.60
N ASN B 106 -2.94 -2.56 19.90
CA ASN B 106 -4.20 -3.09 20.44
C ASN B 106 -5.00 -3.84 19.34
N SER B 107 -6.29 -4.13 19.53
CA SER B 107 -6.99 -4.86 18.41
C SER B 107 -7.05 -4.11 17.07
N TYR B 108 -6.88 -2.79 17.13
CA TYR B 108 -7.04 -1.93 15.94
C TYR B 108 -5.71 -1.48 15.30
N VAL B 109 -4.62 -1.82 15.98
CA VAL B 109 -3.29 -1.30 15.66
C VAL B 109 -2.31 -2.44 15.90
N GLN B 110 -1.87 -3.05 14.79
CA GLN B 110 -0.99 -4.20 14.89
C GLN B 110 0.09 -4.08 13.85
N LEU B 111 1.23 -4.73 14.09
CA LEU B 111 2.28 -4.73 13.07
C LEU B 111 1.90 -5.65 11.90
N GLY B 112 2.14 -5.18 10.68
CA GLY B 112 1.94 -6.00 9.49
C GLY B 112 3.02 -7.07 9.45
N VAL B 113 2.65 -8.29 9.08
CA VAL B 113 3.58 -9.39 8.96
C VAL B 113 4.18 -9.33 7.55
N LEU B 114 5.52 -9.38 7.45
CA LEU B 114 6.13 -9.32 6.13
C LEU B 114 6.56 -10.72 5.69
N PRO B 115 6.61 -10.97 4.35
CA PRO B 115 7.03 -12.28 3.87
C PRO B 115 8.51 -12.51 4.12
N ARG B 116 8.96 -13.77 4.10
CA ARG B 116 10.40 -14.03 4.01
C ARG B 116 10.97 -13.48 2.67
N ALA B 117 12.25 -13.02 2.74
CA ALA B 117 12.97 -12.47 1.60
C ALA B 117 12.89 -13.41 0.42
N GLY B 118 12.64 -12.88 -0.78
CA GLY B 118 12.72 -13.72 -2.00
C GLY B 118 11.40 -14.42 -2.33
N THR B 119 10.44 -14.42 -1.41
CA THR B 119 9.22 -15.23 -1.57
C THR B 119 8.44 -14.72 -2.71
N ILE B 120 8.08 -15.60 -3.66
CA ILE B 120 7.21 -15.24 -4.74
C ILE B 120 5.95 -16.12 -4.69
N LEU B 121 4.80 -15.52 -4.90
CA LEU B 121 3.53 -16.23 -4.86
C LEU B 121 3.21 -16.95 -6.17
N ALA B 122 2.59 -18.11 -6.09
CA ALA B 122 2.16 -18.80 -7.32
C ALA B 122 1.08 -17.92 -7.98
N ASN B 123 1.03 -17.96 -9.30
CA ASN B 123 -0.06 -17.31 -10.05
C ASN B 123 -1.41 -17.56 -9.35
N ASN B 124 -2.29 -16.55 -9.34
CA ASN B 124 -3.64 -16.69 -8.79
C ASN B 124 -3.69 -16.94 -7.31
N SER B 125 -2.70 -16.41 -6.54
CA SER B 125 -2.75 -16.56 -5.14
C SER B 125 -3.77 -15.56 -4.59
N PRO B 126 -4.49 -15.97 -3.51
CA PRO B 126 -5.49 -15.12 -2.83
C PRO B 126 -4.90 -13.95 -2.08
N CYS B 127 -5.30 -12.75 -2.51
CA CYS B 127 -4.87 -11.53 -1.81
C CYS B 127 -6.00 -10.54 -1.75
N TYR B 128 -5.91 -9.65 -0.77
CA TYR B 128 -6.81 -8.51 -0.66
C TYR B 128 -6.01 -7.22 -0.74
N ILE B 129 -6.46 -6.26 -1.55
CA ILE B 129 -5.98 -4.92 -1.48
C ILE B 129 -6.86 -4.18 -0.50
N THR B 130 -6.29 -3.30 0.36
CA THR B 130 -7.17 -2.46 1.21
C THR B 130 -6.79 -0.99 1.04
N GLY B 131 -7.75 -0.06 1.25
CA GLY B 131 -7.39 1.34 1.25
C GLY B 131 -8.61 2.24 1.17
N TRP B 132 -8.33 3.53 1.23
CA TRP B 132 -9.40 4.51 1.14
C TRP B 132 -9.39 5.21 -0.20
N GLY B 133 -8.66 4.66 -1.17
CA GLY B 133 -8.55 5.31 -2.46
C GLY B 133 -9.85 5.43 -3.20
N LEU B 134 -9.79 6.03 -4.39
CA LEU B 134 -10.99 6.25 -5.21
C LEU B 134 -11.77 4.96 -5.42
N THR B 135 -13.09 5.07 -5.42
CA THR B 135 -13.90 3.88 -5.50
C THR B 135 -14.30 3.65 -6.95
N ARG B 136 -13.96 4.63 -7.82
CA ARG B 136 -14.13 4.50 -9.28
C ARG B 136 -13.00 5.28 -9.91
N THR B 137 -12.64 4.91 -11.13
CA THR B 137 -11.74 5.74 -11.89
C THR B 137 -12.28 7.18 -11.94
N ASN B 138 -11.42 8.14 -11.63
CA ASN B 138 -11.82 9.58 -11.60
C ASN B 138 -12.96 9.88 -10.63
N GLY B 139 -13.03 9.09 -9.55
CA GLY B 139 -14.13 9.11 -8.59
C GLY B 139 -13.68 9.85 -7.34
N GLN B 140 -14.14 9.39 -6.20
CA GLN B 140 -13.78 10.06 -4.94
C GLN B 140 -13.28 9.04 -3.95
N LEU B 141 -12.55 9.51 -2.94
CA LEU B 141 -12.04 8.60 -1.91
C LEU B 141 -13.19 7.97 -1.14
N ALA B 142 -12.93 6.78 -0.60
CA ALA B 142 -13.88 6.08 0.23
C ALA B 142 -13.83 6.78 1.58
N GLN B 143 -14.96 6.87 2.25
CA GLN B 143 -14.93 7.32 3.65
C GLN B 143 -14.51 6.19 4.58
N THR B 144 -14.96 4.98 4.30
CA THR B 144 -14.59 3.85 5.15
C THR B 144 -13.59 2.93 4.41
N LEU B 145 -12.71 2.26 5.17
CA LEU B 145 -11.71 1.37 4.57
C LEU B 145 -12.39 0.32 3.69
N GLN B 146 -11.89 0.16 2.47
CA GLN B 146 -12.43 -0.83 1.54
C GLN B 146 -11.42 -1.94 1.37
N GLN B 147 -11.89 -3.12 0.97
CA GLN B 147 -11.03 -4.26 0.64
C GLN B 147 -11.57 -4.83 -0.67
N ALA B 148 -10.66 -5.37 -1.52
CA ALA B 148 -11.11 -6.06 -2.73
C ALA B 148 -10.27 -7.31 -2.89
N TYR B 149 -10.92 -8.39 -3.31
CA TYR B 149 -10.20 -9.64 -3.52
C TYR B 149 -9.44 -9.52 -4.83
N LEU B 150 -8.11 -9.61 -4.79
CA LEU B 150 -7.34 -9.41 -6.02
C LEU B 150 -6.32 -10.53 -6.09
N PRO B 151 -6.60 -11.57 -6.86
CA PRO B 151 -5.61 -12.67 -6.92
C PRO B 151 -4.40 -12.32 -7.79
N THR B 152 -3.23 -12.88 -7.49
CA THR B 152 -1.99 -12.40 -8.12
C THR B 152 -1.99 -12.86 -9.56
N VAL B 153 -1.23 -12.10 -10.36
CA VAL B 153 -0.93 -12.43 -11.77
C VAL B 153 0.58 -12.52 -11.86
N ASP B 154 1.08 -13.73 -12.12
CA ASP B 154 2.50 -13.97 -11.93
C ASP B 154 3.29 -13.17 -12.96
N TYR B 155 4.59 -12.99 -12.70
CA TYR B 155 5.45 -12.22 -13.55
C TYR B 155 5.37 -12.56 -15.06
N ALA B 156 5.48 -13.86 -15.39
CA ALA B 156 5.40 -14.32 -16.75
C ALA B 156 4.15 -13.77 -17.44
N ILE B 157 3.00 -13.85 -16.78
CA ILE B 157 1.76 -13.39 -17.43
C ILE B 157 1.74 -11.86 -17.41
N CYS B 158 2.19 -11.30 -16.29
CA CYS B 158 2.04 -9.85 -16.06
C CYS B 158 2.89 -9.00 -17.00
N SER B 159 4.04 -9.52 -17.38
CA SER B 159 5.00 -8.82 -18.22
C SER B 159 4.87 -9.25 -19.69
N SER B 160 3.88 -10.07 -20.00
CA SER B 160 3.60 -10.37 -21.39
C SER B 160 2.99 -9.16 -22.09
N SER B 161 2.88 -9.18 -23.42
CA SER B 161 2.56 -7.96 -24.15
C SER B 161 1.17 -7.39 -23.88
N SER B 162 0.19 -8.26 -23.60
CA SER B 162 -1.19 -7.81 -23.49
C SER B 162 -1.55 -7.36 -22.09
N TYR B 163 -0.65 -7.69 -21.16
CA TYR B 163 -0.70 -7.16 -19.78
C TYR B 163 0.18 -5.94 -19.70
N TRP B 164 1.21 -5.97 -18.88
CA TRP B 164 1.98 -4.77 -18.72
C TRP B 164 3.25 -4.70 -19.56
N GLY B 165 3.57 -5.78 -20.26
CA GLY B 165 4.80 -5.84 -21.01
C GLY B 165 6.00 -5.51 -20.16
N SER B 166 6.91 -4.73 -20.70
CA SER B 166 8.21 -4.46 -20.11
C SER B 166 8.10 -3.51 -18.91
N THR B 167 6.93 -2.92 -18.74
CA THR B 167 6.70 -1.98 -17.64
C THR B 167 6.79 -2.67 -16.27
N VAL B 168 6.31 -3.90 -16.19
CA VAL B 168 6.39 -4.64 -14.92
C VAL B 168 7.73 -5.31 -14.80
N LYS B 169 8.29 -5.28 -13.57
CA LYS B 169 9.59 -5.88 -13.28
C LYS B 169 9.35 -7.02 -12.26
N ASN B 170 10.31 -7.89 -12.10
CA ASN B 170 10.24 -9.01 -11.16
C ASN B 170 10.36 -8.53 -9.71
N SER B 171 10.68 -7.24 -9.52
CA SER B 171 10.64 -6.62 -8.22
C SER B 171 9.20 -6.16 -7.90
N MET B 172 8.23 -6.58 -8.71
CA MET B 172 6.87 -6.13 -8.43
C MET B 172 5.92 -7.31 -8.32
N VAL B 173 4.76 -7.09 -7.68
CA VAL B 173 3.66 -8.06 -7.72
C VAL B 173 2.52 -7.42 -8.46
N CYS B 174 1.89 -8.16 -9.39
CA CYS B 174 0.63 -7.73 -10.03
C CYS B 174 -0.50 -8.50 -9.37
N ALA B 175 -1.66 -7.88 -9.26
CA ALA B 175 -2.84 -8.56 -8.75
C ALA B 175 -4.06 -7.91 -9.34
N GLY B 176 -5.07 -8.73 -9.64
CA GLY B 176 -6.31 -8.25 -10.21
C GLY B 176 -6.28 -8.29 -11.71
N GLY B 177 -6.68 -7.18 -12.35
CA GLY B 177 -6.75 -7.14 -13.82
C GLY B 177 -8.08 -7.64 -14.37
N ASP B 178 -9.12 -7.79 -13.53
CA ASP B 178 -10.38 -8.37 -14.06
C ASP B 178 -11.27 -7.32 -14.74
N GLY B 179 -10.90 -6.05 -14.57
CA GLY B 179 -11.62 -4.93 -15.21
C GLY B 179 -12.75 -4.46 -14.31
N VAL B 180 -12.87 -5.11 -13.17
CA VAL B 180 -13.91 -4.77 -12.18
C VAL B 180 -13.32 -4.26 -10.84
N ARG B 181 -12.33 -4.96 -10.34
CA ARG B 181 -11.74 -4.60 -9.03
C ARG B 181 -10.29 -4.18 -9.18
N SER B 182 -9.86 -3.18 -8.40
CA SER B 182 -8.46 -2.75 -8.53
C SER B 182 -8.18 -1.78 -7.43
N GLY B 183 -6.89 -1.47 -7.28
CA GLY B 183 -6.51 -0.25 -6.55
C GLY B 183 -6.85 0.98 -7.34
N CYS B 184 -6.80 2.15 -6.71
CA CYS B 184 -7.07 3.37 -7.45
C CYS B 184 -6.41 4.50 -6.62
N GLN B 185 -6.41 5.71 -7.15
CA GLN B 185 -5.60 6.77 -6.54
C GLN B 185 -5.99 6.89 -5.08
N GLY B 186 -4.99 7.02 -4.21
CA GLY B 186 -5.26 7.15 -2.74
C GLY B 186 -5.03 5.82 -2.04
N ASP B 187 -4.92 4.73 -2.83
CA ASP B 187 -4.54 3.42 -2.24
C ASP B 187 -3.04 3.23 -2.21
N SER B 188 -2.31 3.96 -3.07
CA SER B 188 -0.87 3.88 -3.20
C SER B 188 -0.22 3.76 -1.85
N GLY B 189 0.79 2.91 -1.74
CA GLY B 189 1.55 2.85 -0.50
C GLY B 189 0.98 1.86 0.48
N GLY B 190 -0.31 1.50 0.28
CA GLY B 190 -0.98 0.57 1.17
C GLY B 190 -0.61 -0.87 0.88
N PRO B 191 -1.12 -1.79 1.71
CA PRO B 191 -0.79 -3.20 1.65
C PRO B 191 -1.58 -4.00 0.60
N LEU B 192 -0.92 -5.04 0.12
CA LEU B 192 -1.63 -6.16 -0.54
C LEU B 192 -1.38 -7.30 0.43
N HIS B 193 -2.43 -7.85 1.03
CA HIS B 193 -2.29 -8.86 2.08
C HIS B 193 -2.57 -10.16 1.40
N CYS B 194 -1.64 -11.10 1.48
CA CYS B 194 -1.87 -12.39 0.82
C CYS B 194 -1.79 -13.56 1.80
N LEU B 195 -2.67 -14.54 1.62
CA LEU B 195 -2.75 -15.66 2.55
C LEU B 195 -1.67 -16.68 2.21
N VAL B 196 -0.73 -16.91 3.14
CA VAL B 196 0.33 -17.92 2.97
C VAL B 196 0.46 -18.78 4.23
N ASN B 197 0.34 -20.10 4.09
CA ASN B 197 0.40 -21.00 5.24
C ASN B 197 -0.47 -20.52 6.41
N GLY B 198 -1.68 -20.04 6.08
CA GLY B 198 -2.70 -19.83 7.08
C GLY B 198 -2.71 -18.43 7.64
N GLN B 199 -1.72 -17.64 7.25
CA GLN B 199 -1.47 -16.32 7.81
C GLN B 199 -1.40 -15.28 6.67
N TYR B 200 -2.10 -14.17 6.81
CA TYR B 200 -1.94 -13.05 5.89
C TYR B 200 -0.59 -12.37 6.12
N ALA B 201 0.15 -12.09 5.04
CA ALA B 201 1.30 -11.27 5.13
C ALA B 201 1.21 -10.20 4.06
N VAL B 202 1.90 -9.09 4.28
CA VAL B 202 1.87 -7.98 3.34
C VAL B 202 2.91 -8.21 2.26
N HIS B 203 2.45 -8.72 1.09
CA HIS B 203 3.36 -9.01 0.01
C HIS B 203 3.58 -7.83 -0.95
N GLY B 204 2.69 -6.82 -0.91
CA GLY B 204 2.78 -5.72 -1.88
C GLY B 204 2.64 -4.38 -1.23
N VAL B 205 3.31 -3.38 -1.79
CA VAL B 205 3.07 -2.00 -1.41
C VAL B 205 2.44 -1.39 -2.69
N THR B 206 1.21 -0.92 -2.59
CA THR B 206 0.51 -0.41 -3.83
C THR B 206 1.31 0.68 -4.57
N SER B 207 1.55 0.47 -5.88
CA SER B 207 2.43 1.40 -6.60
C SER B 207 1.74 2.09 -7.76
N PHE B 208 1.20 1.31 -8.70
CA PHE B 208 0.53 2.00 -9.79
C PHE B 208 -0.53 1.22 -10.48
N VAL B 209 -1.31 1.96 -11.27
CA VAL B 209 -2.32 1.37 -12.15
C VAL B 209 -2.15 2.00 -13.54
N SER B 210 -2.97 1.56 -14.48
CA SER B 210 -2.93 2.08 -15.87
C SER B 210 -3.31 3.57 -15.93
N ARG B 211 -2.66 4.32 -16.83
CA ARG B 211 -3.07 5.70 -17.13
C ARG B 211 -4.47 5.69 -17.73
N LEU B 212 -4.91 4.52 -18.21
CA LEU B 212 -6.19 4.41 -18.92
C LEU B 212 -7.34 4.35 -17.92
N GLY B 213 -6.99 4.03 -16.68
CA GLY B 213 -7.96 3.96 -15.58
C GLY B 213 -7.57 2.92 -14.53
N CYS B 214 -8.30 2.89 -13.42
CA CYS B 214 -7.97 1.99 -12.31
C CYS B 214 -8.29 0.53 -12.63
N ASN B 215 -9.56 0.23 -12.92
CA ASN B 215 -10.01 -1.13 -13.15
C ASN B 215 -9.99 -1.28 -14.63
N VAL B 216 -8.90 -1.85 -15.13
CA VAL B 216 -8.76 -2.05 -16.59
C VAL B 216 -8.39 -3.52 -16.85
N THR B 217 -9.23 -4.22 -17.64
CA THR B 217 -8.99 -5.65 -17.92
C THR B 217 -7.59 -5.80 -18.50
N ARG B 218 -6.84 -6.75 -17.94
CA ARG B 218 -5.43 -7.04 -18.34
C ARG B 218 -4.42 -5.95 -17.93
N LYS B 219 -4.83 -5.03 -17.05
CA LYS B 219 -3.89 -4.09 -16.39
C LYS B 219 -4.08 -4.23 -14.91
N PRO B 220 -3.63 -5.37 -14.38
CA PRO B 220 -3.74 -5.51 -12.93
C PRO B 220 -3.02 -4.40 -12.15
N THR B 221 -3.52 -4.15 -10.96
CA THR B 221 -2.80 -3.24 -10.10
C THR B 221 -1.37 -3.78 -9.82
N VAL B 222 -0.39 -2.86 -9.73
CA VAL B 222 1.03 -3.23 -9.57
C VAL B 222 1.54 -2.73 -8.24
N PHE B 223 2.23 -3.64 -7.55
CA PHE B 223 2.69 -3.35 -6.20
C PHE B 223 4.19 -3.58 -6.17
N THR B 224 4.89 -2.82 -5.32
CA THR B 224 6.28 -3.13 -5.04
C THR B 224 6.27 -4.45 -4.30
N ARG B 225 7.13 -5.39 -4.70
CA ARG B 225 7.19 -6.69 -4.04
C ARG B 225 7.98 -6.59 -2.75
N VAL B 226 7.30 -6.62 -1.60
CA VAL B 226 7.92 -6.43 -0.29
C VAL B 226 9.06 -7.42 -0.08
N SER B 227 8.86 -8.65 -0.51
CA SER B 227 9.91 -9.67 -0.30
C SER B 227 11.23 -9.40 -1.05
N ALA B 228 11.25 -8.42 -1.94
CA ALA B 228 12.49 -8.06 -2.62
C ALA B 228 13.31 -7.05 -1.81
N TYR B 229 12.72 -6.55 -0.72
CA TYR B 229 13.28 -5.42 0.08
C TYR B 229 13.51 -5.71 1.56
N ILE B 230 13.44 -6.99 1.95
CA ILE B 230 13.50 -7.32 3.35
C ILE B 230 14.83 -6.86 3.97
N SER B 231 15.96 -7.15 3.29
CA SER B 231 17.29 -6.69 3.77
C SER B 231 17.35 -5.16 3.89
N TRP B 232 16.82 -4.49 2.88
CA TRP B 232 16.80 -3.04 2.80
C TRP B 232 15.99 -2.51 3.97
N ILE B 233 14.79 -3.05 4.18
CA ILE B 233 13.95 -2.62 5.31
C ILE B 233 14.66 -2.84 6.63
N ASN B 234 15.13 -4.06 6.85
CA ASN B 234 15.93 -4.33 8.09
C ASN B 234 17.13 -3.40 8.27
N ASN B 235 17.87 -3.12 7.19
CA ASN B 235 19.03 -2.23 7.23
C ASN B 235 18.66 -0.81 7.65
N VAL B 236 17.54 -0.29 7.13
CA VAL B 236 17.14 1.07 7.44
C VAL B 236 16.72 1.14 8.90
N ILE B 237 15.94 0.15 9.32
CA ILE B 237 15.45 0.18 10.69
C ILE B 237 16.63 0.06 11.66
N ALA B 238 17.57 -0.84 11.36
CA ALA B 238 18.79 -0.99 12.19
C ALA B 238 19.66 0.25 12.27
N SER B 239 19.67 1.07 11.24
CA SER B 239 20.56 2.23 11.23
C SER B 239 19.85 3.55 11.53
N ASN B 240 18.57 3.48 11.89
CA ASN B 240 17.80 4.66 12.26
C ASN B 240 17.12 4.41 13.58
CA CA C . -12.02 8.16 11.92
S SO4 D . 14.53 -11.24 -4.74
O1 SO4 D . 14.07 -10.97 -6.12
O2 SO4 D . 15.11 -12.59 -4.67
O3 SO4 D . 13.38 -11.16 -3.86
O4 SO4 D . 15.52 -10.23 -4.38
#